data_2N68
#
_entry.id   2N68
#
_entity_poly.entity_id   1
_entity_poly.type   'polypeptide(L)'
_entity_poly.pdbx_seq_one_letter_code
;GLSQGVEPDIGQTYFEESRINQD
;
_entity_poly.pdbx_strand_id   A
#
# COMPACT_ATOMS: atom_id res chain seq x y z
N GLY A 1 5.33 -4.49 -3.04
CA GLY A 1 4.20 -3.67 -2.70
C GLY A 1 3.88 -2.50 -3.64
N LEU A 2 2.68 -1.94 -3.47
CA LEU A 2 2.22 -0.80 -4.23
C LEU A 2 1.74 0.46 -3.51
N SER A 3 1.19 0.29 -2.31
CA SER A 3 0.63 1.36 -1.52
C SER A 3 0.90 1.13 -0.04
N GLN A 4 0.38 2.07 0.75
CA GLN A 4 0.60 2.15 2.19
C GLN A 4 0.07 0.94 2.94
N GLY A 5 0.82 0.38 3.90
CA GLY A 5 0.46 -0.81 4.64
C GLY A 5 1.40 -1.18 5.77
N VAL A 6 1.23 -2.43 6.20
CA VAL A 6 1.83 -3.03 7.37
C VAL A 6 3.18 -3.63 7.03
N GLU A 7 3.24 -4.21 5.83
CA GLU A 7 4.20 -5.14 5.26
C GLU A 7 4.99 -4.63 4.08
N PRO A 8 6.12 -3.95 4.26
CA PRO A 8 6.92 -3.41 3.18
C PRO A 8 7.47 -4.56 2.35
N ASP A 9 7.45 -4.28 1.05
CA ASP A 9 7.47 -5.20 -0.08
C ASP A 9 8.67 -4.93 -0.98
N ILE A 10 8.56 -4.03 -1.97
CA ILE A 10 9.69 -3.49 -2.70
C ILE A 10 9.61 -1.96 -2.75
N GLY A 11 10.76 -1.34 -3.03
CA GLY A 11 10.94 0.10 -3.08
C GLY A 11 10.78 0.78 -1.73
N GLN A 12 9.60 1.36 -1.55
CA GLN A 12 9.24 2.07 -0.34
C GLN A 12 7.84 1.81 0.21
N THR A 13 7.09 0.95 -0.47
CA THR A 13 5.68 0.69 -0.21
C THR A 13 5.48 -0.78 0.16
N TYR A 14 4.22 -1.12 0.46
CA TYR A 14 3.84 -2.25 1.27
C TYR A 14 2.85 -3.19 0.58
N PHE A 15 1.56 -2.91 0.63
CA PHE A 15 0.50 -3.60 -0.09
C PHE A 15 -0.36 -2.64 -0.91
N GLU A 16 -1.17 -3.12 -1.85
CA GLU A 16 -2.09 -2.32 -2.63
C GLU A 16 -3.39 -2.17 -1.86
N GLU A 17 -3.32 -1.76 -0.60
CA GLU A 17 -4.36 -1.79 0.41
C GLU A 17 -5.57 -0.95 0.00
N SER A 18 -6.74 -1.49 0.32
CA SER A 18 -8.01 -1.10 -0.25
C SER A 18 -8.56 0.26 0.13
N ARG A 19 -7.75 1.33 0.12
CA ARG A 19 -7.87 2.67 0.63
C ARG A 19 -9.04 3.56 0.21
N ILE A 20 -10.25 3.01 0.05
CA ILE A 20 -11.45 3.69 -0.42
C ILE A 20 -11.80 4.89 0.44
N ASN A 21 -12.05 6.06 -0.16
CA ASN A 21 -12.37 7.29 0.54
C ASN A 21 -13.32 8.21 -0.21
N GLN A 22 -13.91 9.09 0.60
CA GLN A 22 -14.85 10.13 0.22
C GLN A 22 -14.38 11.40 0.92
N ASP A 23 -14.65 11.51 2.23
CA ASP A 23 -14.02 12.44 3.13
C ASP A 23 -13.86 12.00 4.57
N GLY A 1 5.23 -4.78 -3.09
CA GLY A 1 4.03 -3.99 -2.87
C GLY A 1 3.67 -2.96 -3.92
N LEU A 2 2.60 -2.20 -3.67
CA LEU A 2 2.23 -1.07 -4.50
C LEU A 2 1.85 0.18 -3.72
N SER A 3 1.31 0.09 -2.51
CA SER A 3 0.94 1.28 -1.77
C SER A 3 1.18 1.00 -0.29
N GLN A 4 0.57 1.81 0.56
CA GLN A 4 0.86 1.90 1.99
C GLN A 4 0.60 0.61 2.75
N GLY A 5 1.12 0.48 3.97
CA GLY A 5 0.63 -0.58 4.83
C GLY A 5 1.48 -0.93 6.04
N VAL A 6 1.44 -2.17 6.54
CA VAL A 6 2.32 -2.72 7.54
C VAL A 6 3.37 -3.69 7.01
N GLU A 7 3.18 -4.28 5.82
CA GLU A 7 4.03 -5.28 5.21
C GLU A 7 4.93 -4.78 4.09
N PRO A 8 6.06 -4.11 4.32
CA PRO A 8 6.80 -3.46 3.25
C PRO A 8 7.34 -4.55 2.33
N ASP A 9 7.34 -4.22 1.05
CA ASP A 9 7.42 -5.00 -0.17
C ASP A 9 8.47 -4.41 -1.10
N ILE A 10 8.13 -3.41 -1.91
CA ILE A 10 9.12 -2.68 -2.67
C ILE A 10 9.54 -1.39 -1.98
N GLY A 11 10.66 -1.41 -1.24
CA GLY A 11 11.22 -0.28 -0.53
C GLY A 11 10.27 0.46 0.40
N GLN A 12 9.74 1.60 -0.08
CA GLN A 12 8.78 2.45 0.60
C GLN A 12 7.30 2.14 0.38
N THR A 13 7.05 1.02 -0.29
CA THR A 13 5.70 0.48 -0.39
C THR A 13 5.49 -0.92 0.19
N TYR A 14 4.23 -1.36 0.24
CA TYR A 14 3.73 -2.43 1.08
C TYR A 14 2.76 -3.35 0.35
N PHE A 15 1.47 -3.00 0.40
CA PHE A 15 0.31 -3.65 -0.19
C PHE A 15 -0.64 -2.59 -0.72
N GLU A 16 -1.65 -2.99 -1.48
CA GLU A 16 -2.39 -2.11 -2.38
C GLU A 16 -3.54 -1.45 -1.64
N GLU A 17 -3.19 -0.68 -0.61
CA GLU A 17 -4.13 0.06 0.21
C GLU A 17 -4.39 1.47 -0.30
N SER A 18 -5.53 1.99 0.17
CA SER A 18 -5.92 3.36 -0.07
C SER A 18 -4.81 4.36 0.21
N ARG A 19 -4.92 5.51 -0.47
CA ARG A 19 -4.12 6.67 -0.15
C ARG A 19 -4.64 7.46 1.03
N ILE A 20 -4.80 6.79 2.19
CA ILE A 20 -5.20 7.30 3.48
C ILE A 20 -4.11 8.27 3.92
N ASN A 21 -4.47 9.51 4.26
CA ASN A 21 -3.64 10.70 4.31
C ASN A 21 -4.04 11.61 5.45
N GLN A 22 -3.23 12.61 5.82
CA GLN A 22 -3.54 13.64 6.79
C GLN A 22 -3.11 15.06 6.42
N ASP A 23 -2.59 15.26 5.20
CA ASP A 23 -2.14 16.55 4.74
C ASP A 23 -2.89 16.85 3.45
N GLY A 1 5.18 -4.55 -3.13
CA GLY A 1 4.09 -3.65 -2.81
C GLY A 1 3.65 -2.58 -3.80
N LEU A 2 2.48 -1.98 -3.60
CA LEU A 2 1.95 -0.94 -4.46
C LEU A 2 1.50 0.33 -3.76
N SER A 3 1.09 0.30 -2.49
CA SER A 3 0.55 1.39 -1.69
C SER A 3 0.97 1.23 -0.24
N GLN A 4 0.45 2.05 0.67
CA GLN A 4 0.73 1.92 2.08
C GLN A 4 0.44 0.55 2.66
N GLY A 5 0.87 0.43 3.92
CA GLY A 5 0.73 -0.84 4.61
C GLY A 5 1.57 -0.93 5.89
N VAL A 6 1.68 -2.20 6.29
CA VAL A 6 2.42 -2.62 7.46
C VAL A 6 3.39 -3.77 7.18
N GLU A 7 3.27 -4.35 5.98
CA GLU A 7 4.17 -5.37 5.48
C GLU A 7 4.94 -4.86 4.27
N PRO A 8 6.08 -4.15 4.39
CA PRO A 8 6.71 -3.57 3.23
C PRO A 8 7.17 -4.69 2.31
N ASP A 9 7.13 -4.37 1.00
CA ASP A 9 7.25 -5.21 -0.16
C ASP A 9 8.36 -4.67 -1.06
N ILE A 10 8.25 -3.42 -1.49
CA ILE A 10 9.23 -2.55 -2.10
C ILE A 10 10.05 -1.89 -1.00
N GLY A 11 11.06 -1.12 -1.42
CA GLY A 11 11.81 -0.29 -0.50
C GLY A 11 10.84 0.61 0.27
N GLN A 12 10.04 1.39 -0.46
CA GLN A 12 9.10 2.40 0.01
C GLN A 12 7.76 1.78 0.38
N THR A 13 7.21 0.73 -0.23
CA THR A 13 5.79 0.47 -0.23
C THR A 13 5.46 -0.97 0.11
N TYR A 14 4.17 -1.26 0.25
CA TYR A 14 3.61 -2.35 1.03
C TYR A 14 2.61 -3.26 0.31
N PHE A 15 1.35 -2.87 0.31
CA PHE A 15 0.24 -3.58 -0.32
C PHE A 15 -0.66 -2.60 -1.05
N GLU A 16 -1.60 -3.08 -1.87
CA GLU A 16 -2.63 -2.33 -2.59
C GLU A 16 -3.85 -2.22 -1.70
N GLU A 17 -3.68 -1.41 -0.64
CA GLU A 17 -4.58 -1.35 0.49
C GLU A 17 -5.99 -0.98 0.07
N SER A 18 -6.02 -0.02 -0.85
CA SER A 18 -7.14 0.65 -1.47
C SER A 18 -8.24 0.94 -0.45
N ARG A 19 -7.85 1.59 0.64
CA ARG A 19 -8.55 1.69 1.90
C ARG A 19 -8.75 3.17 2.22
N ILE A 20 -9.57 3.87 1.42
CA ILE A 20 -9.85 5.29 1.52
C ILE A 20 -11.32 5.43 1.91
N ASN A 21 -11.58 6.11 3.02
CA ASN A 21 -12.89 6.32 3.61
C ASN A 21 -13.36 7.75 3.42
N GLN A 22 -14.69 7.93 3.49
CA GLN A 22 -15.39 9.19 3.57
C GLN A 22 -15.25 9.90 4.91
N ASP A 23 -14.65 11.09 5.00
CA ASP A 23 -14.64 11.93 6.19
C ASP A 23 -16.03 12.35 6.65
N GLY A 1 5.35 -4.65 -3.01
CA GLY A 1 4.26 -3.72 -2.80
C GLY A 1 4.02 -2.66 -3.86
N LEU A 2 3.08 -1.75 -3.59
CA LEU A 2 2.87 -0.50 -4.27
C LEU A 2 2.18 0.64 -3.54
N SER A 3 1.52 0.33 -2.42
CA SER A 3 0.75 1.24 -1.60
C SER A 3 1.11 1.10 -0.12
N GLN A 4 0.69 2.08 0.68
CA GLN A 4 0.98 2.23 2.09
C GLN A 4 0.31 1.14 2.90
N GLY A 5 0.98 0.64 3.95
CA GLY A 5 0.47 -0.48 4.73
C GLY A 5 1.44 -0.74 5.88
N VAL A 6 1.49 -2.02 6.28
CA VAL A 6 2.17 -2.67 7.39
C VAL A 6 3.20 -3.72 7.03
N GLU A 7 3.14 -4.30 5.83
CA GLU A 7 3.99 -5.34 5.31
C GLU A 7 4.87 -4.86 4.16
N PRO A 8 6.02 -4.22 4.34
CA PRO A 8 6.74 -3.51 3.30
C PRO A 8 7.30 -4.52 2.30
N ASP A 9 7.39 -4.17 1.02
CA ASP A 9 7.48 -5.04 -0.14
C ASP A 9 8.47 -4.51 -1.17
N ILE A 10 8.16 -3.47 -1.94
CA ILE A 10 9.12 -2.81 -2.80
C ILE A 10 9.33 -1.43 -2.19
N GLY A 11 10.59 -1.00 -2.24
CA GLY A 11 11.06 0.37 -2.17
C GLY A 11 10.72 1.01 -0.84
N GLN A 12 9.56 1.67 -0.75
CA GLN A 12 8.89 2.37 0.32
C GLN A 12 7.42 2.01 0.45
N THR A 13 6.97 0.88 -0.09
CA THR A 13 5.58 0.50 -0.22
C THR A 13 5.35 -0.99 0.04
N TYR A 14 4.08 -1.35 0.27
CA TYR A 14 3.67 -2.48 1.07
C TYR A 14 2.69 -3.43 0.39
N PHE A 15 1.38 -3.16 0.50
CA PHE A 15 0.34 -3.92 -0.15
C PHE A 15 -0.77 -3.01 -0.67
N GLU A 16 -1.49 -3.41 -1.71
CA GLU A 16 -2.54 -2.62 -2.35
C GLU A 16 -3.75 -2.27 -1.50
N GLU A 17 -3.71 -1.05 -0.97
CA GLU A 17 -4.74 -0.42 -0.16
C GLU A 17 -5.34 0.74 -0.94
N SER A 18 -6.62 0.53 -1.29
CA SER A 18 -7.48 1.35 -2.12
C SER A 18 -8.87 1.40 -1.50
N ARG A 19 -8.89 1.61 -0.18
CA ARG A 19 -10.05 1.69 0.71
C ARG A 19 -10.84 2.98 0.58
N ILE A 20 -11.29 3.30 -0.63
CA ILE A 20 -12.02 4.53 -0.82
C ILE A 20 -13.43 4.46 -0.26
N ASN A 21 -13.99 5.53 0.31
CA ASN A 21 -15.39 5.73 0.64
C ASN A 21 -16.17 6.60 -0.33
N GLN A 22 -16.52 6.05 -1.50
CA GLN A 22 -16.92 6.80 -2.67
C GLN A 22 -18.32 7.38 -2.56
N ASP A 23 -19.09 6.95 -1.56
CA ASP A 23 -20.46 7.37 -1.36
C ASP A 23 -20.70 7.63 0.12
N GLY A 1 5.64 -4.36 -3.27
CA GLY A 1 4.41 -3.66 -2.97
C GLY A 1 4.08 -2.35 -3.66
N LEU A 2 2.86 -1.81 -3.50
CA LEU A 2 2.35 -0.69 -4.26
C LEU A 2 1.95 0.55 -3.47
N SER A 3 1.33 0.41 -2.29
CA SER A 3 0.69 1.44 -1.50
C SER A 3 0.99 1.23 -0.02
N GLN A 4 0.49 2.11 0.85
CA GLN A 4 0.88 2.19 2.24
C GLN A 4 0.31 1.07 3.11
N GLY A 5 0.95 0.77 4.24
CA GLY A 5 0.56 -0.40 5.00
C GLY A 5 1.57 -0.85 6.05
N VAL A 6 1.53 -2.16 6.34
CA VAL A 6 2.06 -3.00 7.39
C VAL A 6 2.97 -4.13 6.93
N GLU A 7 3.13 -4.41 5.63
CA GLU A 7 4.06 -5.31 5.00
C GLU A 7 4.86 -4.68 3.87
N PRO A 8 6.02 -4.06 4.10
CA PRO A 8 6.78 -3.40 3.05
C PRO A 8 7.44 -4.43 2.14
N ASP A 9 6.79 -4.67 1.00
CA ASP A 9 7.31 -5.39 -0.15
C ASP A 9 8.52 -4.71 -0.77
N ILE A 10 8.40 -3.46 -1.21
CA ILE A 10 9.44 -2.50 -1.50
C ILE A 10 9.65 -1.76 -0.20
N GLY A 11 10.88 -1.40 0.19
CA GLY A 11 11.15 -0.48 1.26
C GLY A 11 10.34 0.81 1.20
N GLN A 12 10.03 1.25 -0.03
CA GLN A 12 9.08 2.29 -0.35
C GLN A 12 7.61 2.01 -0.08
N THR A 13 7.14 0.81 -0.42
CA THR A 13 5.76 0.38 -0.55
C THR A 13 5.37 -1.06 -0.25
N TYR A 14 4.11 -1.22 0.19
CA TYR A 14 3.55 -2.25 1.05
C TYR A 14 2.60 -3.23 0.39
N PHE A 15 1.29 -3.10 0.58
CA PHE A 15 0.31 -3.85 -0.18
C PHE A 15 -0.80 -2.87 -0.58
N GLU A 16 -1.61 -3.39 -1.49
CA GLU A 16 -2.46 -2.62 -2.39
C GLU A 16 -3.68 -1.96 -1.75
N GLU A 17 -3.47 -1.09 -0.77
CA GLU A 17 -4.47 -0.36 -0.04
C GLU A 17 -5.02 0.77 -0.88
N SER A 18 -6.16 0.50 -1.53
CA SER A 18 -6.88 1.46 -2.36
C SER A 18 -8.35 1.08 -2.44
N ARG A 19 -9.26 2.04 -2.28
CA ARG A 19 -10.69 1.87 -2.14
C ARG A 19 -11.51 2.89 -2.92
N ILE A 20 -10.94 3.42 -4.00
CA ILE A 20 -11.50 4.39 -4.91
C ILE A 20 -12.95 4.07 -5.21
N ASN A 21 -13.80 4.95 -4.67
CA ASN A 21 -15.24 4.94 -4.90
C ASN A 21 -15.82 6.34 -4.81
N GLN A 22 -16.90 6.57 -5.55
CA GLN A 22 -17.86 7.65 -5.56
C GLN A 22 -18.86 7.53 -4.41
N ASP A 23 -19.48 8.66 -4.07
CA ASP A 23 -20.51 8.85 -3.06
C ASP A 23 -20.24 8.22 -1.70
N GLY A 1 5.57 -4.37 -3.21
CA GLY A 1 4.42 -3.53 -2.92
C GLY A 1 4.08 -2.29 -3.75
N LEU A 2 2.82 -1.90 -3.59
CA LEU A 2 2.25 -0.85 -4.41
C LEU A 2 1.59 0.32 -3.67
N SER A 3 1.20 0.27 -2.39
CA SER A 3 0.60 1.29 -1.55
C SER A 3 1.08 1.17 -0.10
N GLN A 4 0.68 2.08 0.79
CA GLN A 4 1.04 2.02 2.19
C GLN A 4 0.36 0.87 2.93
N GLY A 5 0.94 0.41 4.05
CA GLY A 5 0.36 -0.64 4.84
C GLY A 5 1.21 -1.09 6.02
N VAL A 6 1.29 -2.39 6.31
CA VAL A 6 2.00 -2.96 7.42
C VAL A 6 3.14 -3.89 7.00
N GLU A 7 3.11 -4.33 5.75
CA GLU A 7 3.96 -5.34 5.12
C GLU A 7 4.88 -4.70 4.09
N PRO A 8 6.07 -4.19 4.41
CA PRO A 8 6.91 -3.54 3.42
C PRO A 8 7.58 -4.52 2.48
N ASP A 9 6.87 -4.87 1.40
CA ASP A 9 7.21 -5.34 0.08
C ASP A 9 8.49 -4.70 -0.44
N ILE A 10 8.45 -3.49 -1.01
CA ILE A 10 9.60 -2.65 -1.22
C ILE A 10 9.96 -2.05 0.14
N GLY A 11 11.07 -1.30 0.21
CA GLY A 11 11.34 -0.25 1.18
C GLY A 11 10.31 0.88 1.18
N GLN A 12 10.02 1.47 0.02
CA GLN A 12 9.01 2.47 -0.27
C GLN A 12 7.54 2.16 -0.07
N THR A 13 7.02 1.03 -0.54
CA THR A 13 5.63 0.61 -0.45
C THR A 13 5.37 -0.82 0.00
N TYR A 14 4.14 -1.07 0.46
CA TYR A 14 3.80 -2.18 1.34
C TYR A 14 2.92 -3.15 0.57
N PHE A 15 1.62 -2.82 0.49
CA PHE A 15 0.66 -3.62 -0.24
C PHE A 15 -0.44 -2.72 -0.76
N GLU A 16 -1.14 -3.14 -1.82
CA GLU A 16 -2.16 -2.35 -2.47
C GLU A 16 -3.45 -2.45 -1.67
N GLU A 17 -3.56 -1.73 -0.55
CA GLU A 17 -4.53 -1.86 0.51
C GLU A 17 -5.82 -1.12 0.20
N SER A 18 -5.86 0.03 -0.48
CA SER A 18 -7.09 0.77 -0.74
C SER A 18 -7.98 0.92 0.48
N ARG A 19 -7.35 1.30 1.59
CA ARG A 19 -7.88 1.10 2.94
C ARG A 19 -7.90 2.36 3.80
N ILE A 20 -7.50 3.50 3.25
CA ILE A 20 -7.95 4.80 3.71
C ILE A 20 -9.44 4.96 3.49
N ASN A 21 -10.23 5.13 4.56
CA ASN A 21 -11.67 5.22 4.47
C ASN A 21 -12.06 6.61 3.95
N GLN A 22 -11.79 6.82 2.66
CA GLN A 22 -12.00 7.96 1.79
C GLN A 22 -13.47 8.32 1.70
N ASP A 23 -13.85 9.59 1.88
CA ASP A 23 -15.19 10.10 1.75
C ASP A 23 -16.41 9.31 2.22
N GLY A 1 5.25 -4.42 -3.25
CA GLY A 1 4.07 -3.66 -2.91
C GLY A 1 3.69 -2.65 -4.00
N LEU A 2 2.68 -1.84 -3.70
CA LEU A 2 2.30 -0.66 -4.47
C LEU A 2 1.59 0.47 -3.74
N SER A 3 1.32 0.28 -2.45
CA SER A 3 0.71 1.30 -1.62
C SER A 3 1.20 1.20 -0.18
N GLN A 4 0.80 2.20 0.62
CA GLN A 4 0.97 2.31 2.05
C GLN A 4 0.47 1.08 2.79
N GLY A 5 1.04 0.62 3.91
CA GLY A 5 0.64 -0.63 4.54
C GLY A 5 1.55 -1.05 5.69
N VAL A 6 1.29 -2.22 6.30
CA VAL A 6 2.03 -2.74 7.42
C VAL A 6 3.15 -3.67 7.00
N GLU A 7 3.12 -4.19 5.77
CA GLU A 7 3.93 -5.30 5.32
C GLU A 7 4.82 -4.97 4.12
N PRO A 8 5.99 -4.36 4.34
CA PRO A 8 6.71 -3.76 3.24
C PRO A 8 7.14 -4.82 2.24
N ASP A 9 7.07 -4.45 0.96
CA ASP A 9 7.34 -5.14 -0.29
C ASP A 9 8.47 -4.42 -1.03
N ILE A 10 8.24 -3.24 -1.60
CA ILE A 10 9.30 -2.42 -2.15
C ILE A 10 10.09 -1.83 -1.00
N GLY A 11 9.50 -1.78 0.20
CA GLY A 11 10.18 -1.19 1.33
C GLY A 11 9.78 0.28 1.47
N GLN A 12 9.84 0.94 0.31
CA GLN A 12 9.22 2.23 0.09
C GLN A 12 7.71 2.09 0.23
N THR A 13 7.10 1.04 -0.32
CA THR A 13 5.72 0.62 -0.16
C THR A 13 5.62 -0.86 0.20
N TYR A 14 4.37 -1.28 0.44
CA TYR A 14 3.84 -2.37 1.24
C TYR A 14 2.82 -3.20 0.49
N PHE A 15 1.52 -2.85 0.46
CA PHE A 15 0.52 -3.67 -0.17
C PHE A 15 -0.54 -2.78 -0.82
N GLU A 16 -1.21 -3.28 -1.86
CA GLU A 16 -2.55 -2.87 -2.25
C GLU A 16 -3.51 -2.60 -1.10
N GLU A 17 -4.25 -1.49 -1.11
CA GLU A 17 -5.17 -1.06 -0.08
C GLU A 17 -6.47 -0.59 -0.73
N SER A 18 -6.50 0.51 -1.48
CA SER A 18 -7.71 1.19 -1.89
C SER A 18 -8.74 0.47 -2.74
N ARG A 19 -9.55 -0.43 -2.16
CA ARG A 19 -10.58 -1.22 -2.80
C ARG A 19 -11.78 -0.38 -3.21
N ILE A 20 -11.67 0.95 -3.17
CA ILE A 20 -12.66 1.96 -3.47
C ILE A 20 -13.35 1.75 -4.81
N ASN A 21 -14.69 1.82 -4.79
CA ASN A 21 -15.54 1.67 -5.94
C ASN A 21 -15.46 2.88 -6.87
N GLN A 22 -14.97 2.71 -8.09
CA GLN A 22 -14.69 3.76 -9.06
C GLN A 22 -16.00 4.29 -9.62
N ASP A 23 -16.20 5.60 -9.52
CA ASP A 23 -17.30 6.35 -10.08
C ASP A 23 -16.98 6.77 -11.51
N GLY A 1 5.12 -4.78 -3.09
CA GLY A 1 4.01 -3.90 -2.76
C GLY A 1 3.64 -2.78 -3.72
N LEU A 2 2.49 -2.16 -3.43
CA LEU A 2 1.99 -1.06 -4.25
C LEU A 2 1.60 0.22 -3.54
N SER A 3 1.20 0.16 -2.27
CA SER A 3 0.74 1.24 -1.42
C SER A 3 1.41 1.21 -0.05
N GLN A 4 1.18 2.27 0.73
CA GLN A 4 1.50 2.42 2.14
C GLN A 4 0.68 1.37 2.88
N GLY A 5 1.31 0.72 3.85
CA GLY A 5 0.65 -0.39 4.51
C GLY A 5 1.43 -0.84 5.75
N VAL A 6 1.31 -2.13 6.07
CA VAL A 6 1.91 -2.79 7.21
C VAL A 6 2.91 -3.90 6.92
N GLU A 7 2.90 -4.47 5.71
CA GLU A 7 3.75 -5.55 5.26
C GLU A 7 4.71 -5.08 4.17
N PRO A 8 5.86 -4.46 4.44
CA PRO A 8 6.71 -3.86 3.42
C PRO A 8 7.22 -4.85 2.38
N ASP A 9 7.34 -4.39 1.13
CA ASP A 9 7.46 -5.07 -0.15
C ASP A 9 8.55 -4.37 -0.95
N ILE A 10 8.27 -3.25 -1.60
CA ILE A 10 9.34 -2.51 -2.27
C ILE A 10 9.95 -1.53 -1.27
N GLY A 11 11.08 -0.88 -1.54
CA GLY A 11 11.71 0.24 -0.85
C GLY A 11 10.75 1.10 -0.06
N GLN A 12 9.72 1.68 -0.69
CA GLN A 12 8.73 2.50 -0.04
C GLN A 12 7.38 1.88 0.29
N THR A 13 6.93 0.81 -0.38
CA THR A 13 5.58 0.31 -0.33
C THR A 13 5.42 -1.11 0.22
N TYR A 14 4.16 -1.50 0.37
CA TYR A 14 3.74 -2.60 1.22
C TYR A 14 2.79 -3.51 0.47
N PHE A 15 1.50 -3.16 0.40
CA PHE A 15 0.42 -3.82 -0.28
C PHE A 15 -0.57 -2.79 -0.84
N GLU A 16 -1.44 -3.11 -1.79
CA GLU A 16 -2.46 -2.26 -2.39
C GLU A 16 -3.65 -2.00 -1.46
N GLU A 17 -3.34 -1.40 -0.31
CA GLU A 17 -4.30 -1.12 0.72
C GLU A 17 -5.31 -0.04 0.33
N SER A 18 -4.83 1.16 0.01
CA SER A 18 -5.47 2.39 -0.42
C SER A 18 -4.44 3.37 -0.97
N ARG A 19 -4.85 4.51 -1.54
CA ARG A 19 -4.17 5.72 -1.94
C ARG A 19 -4.92 6.99 -1.54
N ILE A 20 -5.95 6.92 -0.71
CA ILE A 20 -6.73 8.03 -0.19
C ILE A 20 -5.90 9.10 0.50
N ASN A 21 -6.19 10.39 0.29
CA ASN A 21 -5.58 11.47 1.03
C ASN A 21 -6.64 12.50 1.40
N GLN A 22 -6.39 13.39 2.36
CA GLN A 22 -7.29 14.40 2.89
C GLN A 22 -6.59 15.75 2.95
N ASP A 23 -6.06 16.32 1.87
CA ASP A 23 -5.31 17.56 1.77
C ASP A 23 -5.86 18.44 0.65
N GLY A 1 4.65 -4.94 -3.20
CA GLY A 1 3.61 -3.94 -2.97
C GLY A 1 3.87 -2.57 -3.59
N LEU A 2 2.82 -1.75 -3.61
CA LEU A 2 2.85 -0.42 -4.16
C LEU A 2 2.07 0.68 -3.45
N SER A 3 1.49 0.37 -2.28
CA SER A 3 0.54 1.12 -1.47
C SER A 3 0.97 1.53 -0.07
N GLN A 4 0.02 2.07 0.70
CA GLN A 4 0.16 2.37 2.11
C GLN A 4 -0.38 1.24 2.98
N GLY A 5 0.46 0.70 3.85
CA GLY A 5 0.18 -0.56 4.50
C GLY A 5 1.36 -0.96 5.38
N VAL A 6 1.40 -2.24 5.75
CA VAL A 6 2.02 -2.92 6.87
C VAL A 6 3.11 -3.91 6.51
N GLU A 7 3.15 -4.28 5.22
CA GLU A 7 4.14 -5.16 4.63
C GLU A 7 4.96 -4.37 3.62
N PRO A 8 6.08 -3.71 3.93
CA PRO A 8 6.86 -2.93 3.00
C PRO A 8 7.54 -3.81 1.95
N ASP A 9 7.05 -3.69 0.71
CA ASP A 9 7.19 -4.65 -0.37
C ASP A 9 8.45 -4.36 -1.17
N ILE A 10 8.34 -3.46 -2.16
CA ILE A 10 9.47 -3.06 -2.97
C ILE A 10 10.12 -1.88 -2.27
N GLY A 11 10.65 -2.23 -1.09
CA GLY A 11 11.11 -1.34 -0.03
C GLY A 11 10.15 -0.28 0.48
N GLN A 12 10.16 0.89 -0.17
CA GLN A 12 9.54 2.14 0.18
C GLN A 12 8.03 2.20 0.38
N THR A 13 7.22 1.39 -0.31
CA THR A 13 5.79 1.25 -0.15
C THR A 13 5.40 -0.20 0.06
N TYR A 14 4.16 -0.56 0.39
CA TYR A 14 3.60 -1.70 1.09
C TYR A 14 2.54 -2.40 0.26
N PHE A 15 2.06 -3.53 0.80
CA PHE A 15 0.98 -4.31 0.21
C PHE A 15 -0.23 -3.42 0.00
N GLU A 16 -0.92 -3.45 -1.14
CA GLU A 16 -2.28 -3.03 -1.44
C GLU A 16 -3.30 -3.79 -0.60
N GLU A 17 -3.22 -3.51 0.71
CA GLU A 17 -4.07 -4.03 1.77
C GLU A 17 -5.41 -3.30 1.81
N SER A 18 -5.37 -2.00 1.60
CA SER A 18 -6.52 -1.15 1.36
C SER A 18 -6.14 0.26 0.91
N ARG A 19 -6.67 0.72 -0.23
CA ARG A 19 -6.50 2.04 -0.79
C ARG A 19 -7.83 2.71 -1.10
N ILE A 20 -8.90 2.18 -0.51
CA ILE A 20 -10.26 2.67 -0.56
C ILE A 20 -10.31 4.13 -0.18
N ASN A 21 -10.86 4.94 -1.11
CA ASN A 21 -11.03 6.36 -0.92
C ASN A 21 -12.25 6.75 -0.09
N GLN A 22 -12.06 7.77 0.74
CA GLN A 22 -13.08 8.41 1.55
C GLN A 22 -13.43 9.76 0.94
N ASP A 23 -14.74 10.03 0.80
CA ASP A 23 -15.31 11.33 0.51
C ASP A 23 -16.67 11.52 1.15
N GLY A 1 4.95 -5.12 -3.09
CA GLY A 1 3.86 -4.18 -2.91
C GLY A 1 3.86 -2.98 -3.83
N LEU A 2 2.96 -2.04 -3.51
CA LEU A 2 2.83 -0.78 -4.23
C LEU A 2 2.15 0.38 -3.51
N SER A 3 1.68 0.22 -2.27
CA SER A 3 0.95 1.27 -1.58
C SER A 3 1.13 1.26 -0.07
N GLN A 4 0.72 2.31 0.64
CA GLN A 4 0.88 2.43 2.09
C GLN A 4 0.16 1.33 2.85
N GLY A 5 0.79 0.77 3.88
CA GLY A 5 0.35 -0.44 4.54
C GLY A 5 1.27 -0.90 5.68
N VAL A 6 1.28 -2.21 5.93
CA VAL A 6 1.87 -2.83 7.10
C VAL A 6 2.88 -3.91 6.73
N GLU A 7 2.81 -4.46 5.52
CA GLU A 7 3.77 -5.40 4.96
C GLU A 7 4.65 -4.74 3.92
N PRO A 8 5.79 -4.13 4.24
CA PRO A 8 6.67 -3.51 3.26
C PRO A 8 7.19 -4.50 2.22
N ASP A 9 7.24 -3.99 0.98
CA ASP A 9 7.39 -4.75 -0.24
C ASP A 9 8.52 -4.21 -1.11
N ILE A 10 8.27 -3.32 -2.07
CA ILE A 10 9.23 -2.72 -2.97
C ILE A 10 9.44 -1.27 -2.57
N GLY A 11 10.69 -0.82 -2.70
CA GLY A 11 11.16 0.54 -2.49
C GLY A 11 10.87 1.12 -1.12
N GLN A 12 9.71 1.76 -0.97
CA GLN A 12 9.24 2.31 0.28
C GLN A 12 7.79 2.03 0.63
N THR A 13 7.08 1.23 -0.16
CA THR A 13 5.69 0.89 0.08
C THR A 13 5.46 -0.58 0.39
N TYR A 14 4.20 -0.94 0.56
CA TYR A 14 3.60 -2.08 1.20
C TYR A 14 2.55 -2.72 0.31
N PHE A 15 1.76 -3.68 0.82
CA PHE A 15 0.70 -4.28 0.04
C PHE A 15 -0.40 -3.27 -0.21
N GLU A 16 -1.12 -3.41 -1.33
CA GLU A 16 -2.28 -2.66 -1.75
C GLU A 16 -3.48 -2.84 -0.83
N GLU A 17 -3.53 -1.98 0.20
CA GLU A 17 -4.76 -1.71 0.91
C GLU A 17 -5.69 -0.78 0.14
N SER A 18 -5.09 0.16 -0.59
CA SER A 18 -5.68 1.31 -1.25
C SER A 18 -6.38 2.22 -0.25
N ARG A 19 -5.72 2.61 0.86
CA ARG A 19 -6.27 3.39 1.95
C ARG A 19 -6.28 4.88 1.67
N ILE A 20 -6.59 5.25 0.43
CA ILE A 20 -6.50 6.61 -0.08
C ILE A 20 -7.65 7.41 0.48
N ASN A 21 -7.37 8.61 0.99
CA ASN A 21 -8.17 9.36 1.95
C ASN A 21 -8.44 10.78 1.45
N GLN A 22 -9.59 10.97 0.80
CA GLN A 22 -10.01 12.21 0.16
C GLN A 22 -11.48 12.50 0.40
N ASP A 23 -11.97 13.69 0.06
CA ASP A 23 -13.37 14.09 0.02
C ASP A 23 -13.86 14.46 -1.36
N GLY A 1 5.22 -4.48 -3.33
CA GLY A 1 4.22 -3.53 -2.87
C GLY A 1 3.99 -2.43 -3.90
N LEU A 2 2.93 -1.67 -3.66
CA LEU A 2 2.47 -0.56 -4.48
C LEU A 2 1.88 0.58 -3.66
N SER A 3 1.57 0.44 -2.38
CA SER A 3 0.76 1.32 -1.55
C SER A 3 1.33 1.52 -0.16
N GLN A 4 0.46 1.79 0.82
CA GLN A 4 0.79 1.89 2.23
C GLN A 4 0.05 0.81 3.01
N GLY A 5 0.59 0.47 4.18
CA GLY A 5 0.13 -0.64 4.98
C GLY A 5 1.15 -1.01 6.06
N VAL A 6 1.27 -2.31 6.34
CA VAL A 6 2.13 -2.82 7.39
C VAL A 6 3.18 -3.79 6.88
N GLU A 7 3.06 -4.33 5.66
CA GLU A 7 4.04 -5.18 5.02
C GLU A 7 4.77 -4.48 3.88
N PRO A 8 5.96 -3.90 4.06
CA PRO A 8 6.68 -3.21 3.00
C PRO A 8 7.27 -4.23 2.04
N ASP A 9 6.65 -4.42 0.88
CA ASP A 9 7.03 -5.26 -0.24
C ASP A 9 8.28 -4.76 -0.95
N ILE A 10 8.19 -3.56 -1.53
CA ILE A 10 9.33 -2.76 -1.94
C ILE A 10 9.91 -2.15 -0.68
N GLY A 11 11.18 -1.76 -0.67
CA GLY A 11 11.81 -0.90 0.32
C GLY A 11 10.93 0.28 0.73
N GLN A 12 10.36 0.98 -0.26
CA GLN A 12 9.48 2.12 -0.09
C GLN A 12 8.04 1.80 0.32
N THR A 13 7.37 0.84 -0.31
CA THR A 13 5.93 0.67 -0.35
C THR A 13 5.42 -0.72 -0.02
N TYR A 14 4.12 -0.80 0.28
CA TYR A 14 3.46 -1.89 0.98
C TYR A 14 2.35 -2.50 0.12
N PHE A 15 1.69 -3.53 0.62
CA PHE A 15 0.63 -4.18 -0.13
C PHE A 15 -0.54 -3.27 -0.44
N GLU A 16 -1.16 -3.44 -1.62
CA GLU A 16 -2.31 -2.70 -2.09
C GLU A 16 -3.49 -2.95 -1.15
N GLU A 17 -3.78 -1.92 -0.36
CA GLU A 17 -4.94 -1.90 0.52
C GLU A 17 -6.26 -1.84 -0.25
N SER A 18 -6.33 -0.98 -1.26
CA SER A 18 -7.43 -0.75 -2.19
C SER A 18 -7.03 0.41 -3.09
N ARG A 19 -7.30 0.30 -4.39
CA ARG A 19 -7.24 1.37 -5.36
C ARG A 19 -8.24 1.07 -6.47
N ILE A 20 -9.46 1.55 -6.28
CA ILE A 20 -10.40 1.75 -7.35
C ILE A 20 -9.83 2.69 -8.42
N ASN A 21 -9.95 2.32 -9.69
CA ASN A 21 -9.45 3.05 -10.84
C ASN A 21 -9.91 4.50 -10.85
N GLN A 22 -9.09 5.41 -11.35
CA GLN A 22 -9.26 6.84 -11.43
C GLN A 22 -9.68 7.51 -10.13
N ASP A 23 -8.70 7.95 -9.33
CA ASP A 23 -8.81 8.56 -8.02
C ASP A 23 -9.76 9.75 -7.94
N GLY A 1 5.23 -4.53 -3.21
CA GLY A 1 4.15 -3.63 -2.88
C GLY A 1 3.64 -2.71 -3.99
N LEU A 2 2.60 -1.95 -3.63
CA LEU A 2 2.04 -0.88 -4.42
C LEU A 2 1.68 0.40 -3.68
N SER A 3 1.17 0.30 -2.46
CA SER A 3 0.70 1.42 -1.65
C SER A 3 1.11 1.28 -0.19
N GLN A 4 0.47 2.01 0.72
CA GLN A 4 0.69 1.92 2.15
C GLN A 4 0.57 0.51 2.72
N GLY A 5 1.05 0.30 3.95
CA GLY A 5 0.61 -0.84 4.73
C GLY A 5 1.57 -1.21 5.86
N VAL A 6 1.29 -2.32 6.54
CA VAL A 6 2.07 -2.87 7.62
C VAL A 6 3.13 -3.87 7.17
N GLU A 7 3.12 -4.23 5.89
CA GLU A 7 3.92 -5.29 5.30
C GLU A 7 4.79 -4.75 4.17
N PRO A 8 6.03 -4.32 4.45
CA PRO A 8 6.95 -3.91 3.40
C PRO A 8 7.09 -4.95 2.29
N ASP A 9 7.17 -4.45 1.06
CA ASP A 9 7.22 -5.22 -0.17
C ASP A 9 8.40 -4.75 -1.00
N ILE A 10 8.47 -3.44 -1.25
CA ILE A 10 9.58 -2.76 -1.89
C ILE A 10 10.08 -1.69 -0.92
N GLY A 11 11.19 -1.02 -1.23
CA GLY A 11 11.80 0.04 -0.45
C GLY A 11 10.85 1.12 0.05
N GLN A 12 9.93 1.57 -0.82
CA GLN A 12 8.88 2.52 -0.56
C GLN A 12 7.54 1.96 -0.14
N THR A 13 7.12 0.81 -0.67
CA THR A 13 5.74 0.35 -0.68
C THR A 13 5.48 -1.01 -0.08
N TYR A 14 4.20 -1.32 0.14
CA TYR A 14 3.73 -2.37 1.03
C TYR A 14 2.69 -3.25 0.35
N PHE A 15 1.42 -2.83 0.35
CA PHE A 15 0.30 -3.54 -0.24
C PHE A 15 -0.66 -2.58 -0.91
N GLU A 16 -1.67 -3.00 -1.67
CA GLU A 16 -2.62 -2.09 -2.28
C GLU A 16 -3.69 -1.64 -1.30
N GLU A 17 -3.27 -1.00 -0.21
CA GLU A 17 -4.09 -0.56 0.90
C GLU A 17 -5.03 0.55 0.50
N SER A 18 -6.22 0.56 1.13
CA SER A 18 -7.40 1.37 0.92
C SER A 18 -8.58 0.49 0.51
N ARG A 19 -9.67 0.56 1.28
CA ARG A 19 -10.85 -0.29 1.16
C ARG A 19 -12.13 0.44 1.52
N ILE A 20 -12.20 1.76 1.32
CA ILE A 20 -13.38 2.58 1.49
C ILE A 20 -14.56 2.03 0.71
N ASN A 21 -15.62 1.59 1.40
CA ASN A 21 -16.85 1.05 0.87
C ASN A 21 -18.03 1.77 1.51
N GLN A 22 -18.38 2.95 0.98
CA GLN A 22 -19.29 3.90 1.57
C GLN A 22 -20.16 4.63 0.55
N ASP A 23 -19.80 4.69 -0.73
CA ASP A 23 -20.57 5.31 -1.80
C ASP A 23 -21.99 4.81 -2.02
N GLY A 1 4.76 -5.02 -2.97
CA GLY A 1 3.83 -3.94 -2.74
C GLY A 1 4.15 -2.64 -3.46
N LEU A 2 3.15 -1.80 -3.63
CA LEU A 2 3.10 -0.54 -4.36
C LEU A 2 2.51 0.61 -3.55
N SER A 3 1.99 0.28 -2.37
CA SER A 3 1.07 1.10 -1.60
C SER A 3 1.57 1.50 -0.21
N GLN A 4 0.72 2.00 0.68
CA GLN A 4 0.97 2.05 2.11
C GLN A 4 0.20 0.95 2.82
N GLY A 5 0.60 0.47 4.00
CA GLY A 5 -0.08 -0.61 4.69
C GLY A 5 0.77 -1.26 5.77
N VAL A 6 0.38 -2.44 6.26
CA VAL A 6 1.18 -3.21 7.19
C VAL A 6 2.48 -3.84 6.72
N GLU A 7 2.61 -4.18 5.43
CA GLU A 7 3.61 -5.07 4.87
C GLU A 7 4.54 -4.41 3.86
N PRO A 8 5.68 -3.84 4.24
CA PRO A 8 6.63 -3.36 3.26
C PRO A 8 7.18 -4.43 2.33
N ASP A 9 7.05 -4.10 1.03
CA ASP A 9 7.09 -4.97 -0.13
C ASP A 9 8.22 -4.68 -1.10
N ILE A 10 8.03 -3.80 -2.08
CA ILE A 10 9.06 -3.17 -2.89
C ILE A 10 9.26 -1.77 -2.31
N GLY A 11 10.50 -1.28 -2.32
CA GLY A 11 10.97 -0.15 -1.54
C GLY A 11 10.17 1.14 -1.44
N GLN A 12 10.29 1.66 -0.22
CA GLN A 12 9.45 2.67 0.39
C GLN A 12 8.00 2.27 0.55
N THR A 13 7.52 1.21 -0.11
CA THR A 13 6.12 0.89 -0.26
C THR A 13 5.76 -0.49 0.28
N TYR A 14 4.44 -0.72 0.37
CA TYR A 14 3.78 -1.79 1.08
C TYR A 14 2.69 -2.43 0.24
N PHE A 15 2.26 -3.64 0.63
CA PHE A 15 1.14 -4.33 0.04
C PHE A 15 -0.12 -3.46 0.16
N GLU A 16 -0.99 -3.56 -0.85
CA GLU A 16 -2.14 -2.71 -1.11
C GLU A 16 -3.26 -2.96 -0.09
N GLU A 17 -3.13 -2.25 1.05
CA GLU A 17 -4.09 -2.19 2.12
C GLU A 17 -5.29 -1.33 1.78
N SER A 18 -5.00 -0.21 1.10
CA SER A 18 -5.94 0.76 0.58
C SER A 18 -6.91 1.25 1.65
N ARG A 19 -6.36 1.73 2.78
CA ARG A 19 -7.08 2.37 3.87
C ARG A 19 -6.33 3.65 4.17
N ILE A 20 -6.36 4.59 3.22
CA ILE A 20 -5.63 5.84 3.17
C ILE A 20 -5.92 6.66 4.41
N ASN A 21 -4.89 6.87 5.23
CA ASN A 21 -4.73 7.82 6.30
C ASN A 21 -5.75 7.68 7.42
N GLN A 22 -6.09 6.43 7.76
CA GLN A 22 -7.02 6.05 8.80
C GLN A 22 -7.04 6.88 10.08
N ASP A 23 -8.14 6.91 10.83
CA ASP A 23 -8.20 7.46 12.17
C ASP A 23 -9.27 6.89 13.09
N GLY A 1 5.26 -4.34 -3.17
CA GLY A 1 4.23 -3.45 -2.64
C GLY A 1 4.24 -2.11 -3.37
N LEU A 2 3.09 -1.44 -3.25
CA LEU A 2 2.71 -0.25 -3.99
C LEU A 2 1.60 0.57 -3.35
N SER A 3 1.18 0.32 -2.11
CA SER A 3 0.39 1.18 -1.26
C SER A 3 0.88 1.39 0.16
N GLN A 4 0.35 2.29 0.99
CA GLN A 4 0.54 2.33 2.42
C GLN A 4 0.07 1.04 3.08
N GLY A 5 0.77 0.65 4.15
CA GLY A 5 0.31 -0.51 4.90
C GLY A 5 1.26 -1.08 5.94
N VAL A 6 1.09 -2.39 6.15
CA VAL A 6 1.90 -3.04 7.17
C VAL A 6 3.14 -3.77 6.69
N GLU A 7 3.14 -4.06 5.39
CA GLU A 7 4.10 -4.97 4.79
C GLU A 7 4.76 -4.22 3.64
N PRO A 8 5.88 -3.52 3.78
CA PRO A 8 6.60 -2.91 2.67
C PRO A 8 7.28 -3.97 1.82
N ASP A 9 6.58 -4.38 0.77
CA ASP A 9 6.89 -5.40 -0.23
C ASP A 9 8.12 -4.99 -1.02
N ILE A 10 8.10 -3.77 -1.55
CA ILE A 10 9.28 -3.06 -1.99
C ILE A 10 9.89 -2.34 -0.79
N GLY A 11 11.17 -1.97 -0.84
CA GLY A 11 11.75 -1.16 0.21
C GLY A 11 10.96 0.10 0.57
N GLN A 12 10.47 0.75 -0.49
CA GLN A 12 9.56 1.88 -0.51
C GLN A 12 8.22 1.52 0.12
N THR A 13 7.28 0.88 -0.58
CA THR A 13 5.90 0.72 -0.17
C THR A 13 5.38 -0.70 -0.02
N TYR A 14 4.11 -0.82 0.40
CA TYR A 14 3.46 -1.91 1.09
C TYR A 14 2.33 -2.52 0.26
N PHE A 15 1.76 -3.65 0.69
CA PHE A 15 0.76 -4.43 -0.01
C PHE A 15 -0.38 -3.51 -0.43
N GLU A 16 -0.86 -3.70 -1.67
CA GLU A 16 -1.86 -2.95 -2.39
C GLU A 16 -3.11 -2.66 -1.58
N GLU A 17 -3.59 -1.43 -1.40
CA GLU A 17 -4.61 -1.05 -0.45
C GLU A 17 -5.75 -0.45 -1.27
N SER A 18 -5.54 0.71 -1.90
CA SER A 18 -6.59 1.34 -2.67
C SER A 18 -6.08 2.07 -3.91
N ARG A 19 -6.91 2.26 -4.94
CA ARG A 19 -6.62 3.09 -6.10
C ARG A 19 -7.77 4.01 -6.49
N ILE A 20 -8.82 4.11 -5.66
CA ILE A 20 -10.17 4.46 -6.01
C ILE A 20 -10.26 5.85 -6.62
N ASN A 21 -10.80 5.96 -7.83
CA ASN A 21 -10.83 7.17 -8.64
C ASN A 21 -12.17 7.31 -9.37
N GLN A 22 -12.93 8.37 -9.07
CA GLN A 22 -14.16 8.69 -9.75
C GLN A 22 -13.96 9.38 -11.09
N ASP A 23 -12.78 9.98 -11.31
CA ASP A 23 -12.41 10.88 -12.36
C ASP A 23 -11.11 10.58 -13.09
N GLY A 1 4.65 -4.92 -2.81
CA GLY A 1 3.69 -3.88 -2.51
C GLY A 1 4.10 -2.51 -3.02
N LEU A 2 3.12 -1.82 -3.59
CA LEU A 2 3.21 -0.51 -4.21
C LEU A 2 2.28 0.53 -3.60
N SER A 3 1.65 0.30 -2.45
CA SER A 3 0.77 1.19 -1.72
C SER A 3 1.32 1.50 -0.34
N GLN A 4 0.46 1.72 0.66
CA GLN A 4 0.74 1.78 2.08
C GLN A 4 -0.04 0.79 2.93
N GLY A 5 0.60 0.45 4.05
CA GLY A 5 0.07 -0.64 4.85
C GLY A 5 1.02 -1.06 5.95
N VAL A 6 1.20 -2.36 6.21
CA VAL A 6 2.01 -2.88 7.30
C VAL A 6 3.01 -3.90 6.78
N GLU A 7 2.89 -4.29 5.52
CA GLU A 7 3.83 -5.15 4.82
C GLU A 7 4.62 -4.51 3.69
N PRO A 8 5.70 -3.80 4.06
CA PRO A 8 6.55 -3.11 3.11
C PRO A 8 7.24 -4.18 2.27
N ASP A 9 7.23 -3.82 0.99
CA ASP A 9 7.23 -4.67 -0.18
C ASP A 9 8.32 -4.22 -1.16
N ILE A 10 8.04 -3.53 -2.27
CA ILE A 10 8.97 -2.84 -3.14
C ILE A 10 9.54 -1.61 -2.46
N GLY A 11 10.64 -1.76 -1.73
CA GLY A 11 11.30 -0.77 -0.91
C GLY A 11 10.42 0.07 0.01
N GLN A 12 10.18 1.35 -0.28
CA GLN A 12 9.37 2.30 0.46
C GLN A 12 7.86 2.08 0.58
N THR A 13 7.33 1.12 -0.18
CA THR A 13 5.90 0.90 -0.27
C THR A 13 5.48 -0.53 0.07
N TYR A 14 4.21 -0.72 0.40
CA TYR A 14 3.57 -1.81 1.13
C TYR A 14 2.42 -2.43 0.34
N PHE A 15 1.82 -3.49 0.88
CA PHE A 15 0.75 -4.16 0.15
C PHE A 15 -0.44 -3.29 -0.23
N GLU A 16 -1.20 -3.67 -1.26
CA GLU A 16 -2.19 -2.86 -1.93
C GLU A 16 -3.45 -2.56 -1.14
N GLU A 17 -3.45 -1.48 -0.35
CA GLU A 17 -4.54 -0.76 0.28
C GLU A 17 -5.22 0.21 -0.67
N SER A 18 -6.51 0.49 -0.47
CA SER A 18 -7.31 1.47 -1.19
C SER A 18 -7.47 1.34 -2.69
N ARG A 19 -8.21 2.32 -3.21
CA ARG A 19 -8.53 2.60 -4.59
C ARG A 19 -8.89 1.36 -5.38
N ILE A 20 -9.88 0.61 -4.90
CA ILE A 20 -10.46 -0.56 -5.53
C ILE A 20 -11.11 -0.11 -6.82
N ASN A 21 -10.95 -0.94 -7.86
CA ASN A 21 -11.58 -0.94 -9.16
C ASN A 21 -12.41 -2.18 -9.41
N GLN A 22 -13.24 -2.18 -10.46
CA GLN A 22 -14.22 -3.17 -10.85
C GLN A 22 -14.91 -3.92 -9.71
N ASP A 23 -15.64 -3.19 -8.85
CA ASP A 23 -16.33 -3.63 -7.66
C ASP A 23 -15.51 -4.09 -6.48
N GLY A 1 5.43 -4.27 -3.20
CA GLY A 1 4.38 -3.35 -2.86
C GLY A 1 4.05 -2.27 -3.91
N LEU A 2 2.99 -1.52 -3.61
CA LEU A 2 2.59 -0.33 -4.34
C LEU A 2 1.69 0.72 -3.69
N SER A 3 1.22 0.50 -2.46
CA SER A 3 0.44 1.35 -1.60
C SER A 3 0.72 1.07 -0.13
N GLN A 4 0.03 1.75 0.79
CA GLN A 4 0.20 1.82 2.22
C GLN A 4 -0.02 0.47 2.89
N GLY A 5 0.43 0.27 4.14
CA GLY A 5 0.47 -1.00 4.80
C GLY A 5 1.34 -1.15 6.03
N VAL A 6 1.39 -2.42 6.46
CA VAL A 6 2.24 -2.98 7.49
C VAL A 6 3.30 -3.94 6.95
N GLU A 7 3.20 -4.41 5.71
CA GLU A 7 4.13 -5.28 5.01
C GLU A 7 4.97 -4.61 3.94
N PRO A 8 6.03 -3.87 4.28
CA PRO A 8 6.80 -3.17 3.29
C PRO A 8 7.50 -4.07 2.29
N ASP A 9 6.81 -4.23 1.15
CA ASP A 9 6.96 -5.19 0.09
C ASP A 9 8.32 -5.09 -0.60
N ILE A 10 8.48 -3.95 -1.28
CA ILE A 10 9.73 -3.48 -1.84
C ILE A 10 10.28 -2.29 -1.08
N GLY A 11 11.27 -1.64 -1.72
CA GLY A 11 11.92 -0.48 -1.12
C GLY A 11 11.05 0.58 -0.48
N GLN A 12 10.00 1.02 -1.17
CA GLN A 12 8.95 1.94 -0.77
C GLN A 12 7.63 1.22 -0.91
N THR A 13 6.73 1.66 -0.02
CA THR A 13 5.38 1.18 0.07
C THR A 13 5.28 -0.33 0.30
N TYR A 14 4.04 -0.83 0.41
CA TYR A 14 3.61 -1.96 1.20
C TYR A 14 2.71 -2.89 0.39
N PHE A 15 1.39 -2.84 0.50
CA PHE A 15 0.43 -3.66 -0.20
C PHE A 15 -0.67 -2.73 -0.73
N GLU A 16 -1.42 -3.25 -1.71
CA GLU A 16 -2.46 -2.54 -2.44
C GLU A 16 -3.74 -2.32 -1.64
N GLU A 17 -3.63 -1.42 -0.65
CA GLU A 17 -4.63 -0.89 0.25
C GLU A 17 -5.52 0.22 -0.32
N SER A 18 -5.21 0.71 -1.52
CA SER A 18 -5.81 1.81 -2.27
C SER A 18 -5.92 1.63 -3.77
N ARG A 19 -7.09 1.92 -4.33
CA ARG A 19 -7.37 2.04 -5.75
C ARG A 19 -8.20 3.30 -5.96
N ILE A 20 -7.48 4.42 -6.08
CA ILE A 20 -7.96 5.73 -6.47
C ILE A 20 -8.53 5.64 -7.88
N ASN A 21 -9.70 6.21 -8.14
CA ASN A 21 -10.49 5.96 -9.33
C ASN A 21 -11.40 7.13 -9.64
N GLN A 22 -12.24 7.07 -10.68
CA GLN A 22 -12.90 8.22 -11.24
C GLN A 22 -14.26 7.82 -11.80
N ASP A 23 -15.27 8.55 -11.34
CA ASP A 23 -16.67 8.39 -11.70
C ASP A 23 -17.12 9.28 -12.85
N GLY A 1 5.18 -4.70 -3.40
CA GLY A 1 4.18 -3.75 -2.98
C GLY A 1 3.99 -2.54 -3.90
N LEU A 2 3.03 -1.69 -3.53
CA LEU A 2 2.79 -0.40 -4.16
C LEU A 2 2.02 0.61 -3.31
N SER A 3 1.41 0.28 -2.17
CA SER A 3 0.53 1.13 -1.39
C SER A 3 0.88 1.28 0.09
N GLN A 4 0.32 2.27 0.79
CA GLN A 4 0.59 2.51 2.19
C GLN A 4 0.05 1.38 3.05
N GLY A 5 0.94 0.88 3.91
CA GLY A 5 0.59 -0.34 4.60
C GLY A 5 1.45 -0.79 5.79
N VAL A 6 1.46 -2.11 5.96
CA VAL A 6 1.96 -2.89 7.07
C VAL A 6 2.90 -4.01 6.67
N GLU A 7 2.90 -4.44 5.41
CA GLU A 7 3.89 -5.38 4.92
C GLU A 7 4.76 -4.75 3.84
N PRO A 8 5.96 -4.19 4.06
CA PRO A 8 6.70 -3.52 3.02
C PRO A 8 7.35 -4.51 2.05
N ASP A 9 6.59 -4.83 0.99
CA ASP A 9 6.93 -5.58 -0.21
C ASP A 9 8.16 -5.01 -0.89
N ILE A 10 8.09 -3.74 -1.31
CA ILE A 10 9.22 -3.11 -1.94
C ILE A 10 9.86 -2.07 -1.02
N GLY A 11 10.96 -1.49 -1.52
CA GLY A 11 11.58 -0.25 -1.13
C GLY A 11 10.73 0.98 -1.42
N GLN A 12 10.28 1.65 -0.36
CA GLN A 12 9.17 2.57 -0.29
C GLN A 12 7.83 2.05 -0.80
N THR A 13 7.16 1.40 0.17
CA THR A 13 5.77 1.04 0.35
C THR A 13 5.39 -0.43 0.35
N TYR A 14 4.11 -0.77 0.54
CA TYR A 14 3.57 -1.99 1.12
C TYR A 14 2.52 -2.54 0.17
N PHE A 15 1.74 -3.53 0.62
CA PHE A 15 0.71 -4.20 -0.14
C PHE A 15 -0.43 -3.28 -0.54
N GLU A 16 -1.26 -3.69 -1.51
CA GLU A 16 -2.42 -2.99 -2.02
C GLU A 16 -3.63 -3.07 -1.11
N GLU A 17 -3.59 -2.11 -0.18
CA GLU A 17 -4.59 -1.75 0.80
C GLU A 17 -5.89 -1.15 0.27
N SER A 18 -6.89 -0.91 1.12
CA SER A 18 -8.06 -0.07 0.99
C SER A 18 -7.77 1.32 0.44
N ARG A 19 -8.58 1.75 -0.53
CA ARG A 19 -8.79 3.08 -1.07
C ARG A 19 -10.24 3.56 -1.01
N ILE A 20 -11.10 2.91 -0.23
CA ILE A 20 -12.42 3.43 0.05
C ILE A 20 -12.28 4.77 0.77
N ASN A 21 -13.02 5.80 0.35
CA ASN A 21 -12.83 7.20 0.68
C ASN A 21 -14.12 8.00 0.65
N GLN A 22 -14.11 9.16 1.31
CA GLN A 22 -15.16 10.16 1.36
C GLN A 22 -14.66 11.55 0.98
N ASP A 23 -15.52 12.54 0.73
CA ASP A 23 -15.22 13.94 0.52
C ASP A 23 -14.99 14.67 1.84
N GLY A 1 5.17 -4.59 -2.83
CA GLY A 1 4.02 -3.73 -2.60
C GLY A 1 3.74 -2.73 -3.70
N LEU A 2 2.64 -2.00 -3.51
CA LEU A 2 2.13 -0.97 -4.38
C LEU A 2 1.56 0.24 -3.66
N SER A 3 1.33 0.19 -2.34
CA SER A 3 0.77 1.27 -1.56
C SER A 3 1.39 1.27 -0.18
N GLN A 4 1.02 2.24 0.66
CA GLN A 4 1.13 2.24 2.11
C GLN A 4 0.45 1.06 2.75
N GLY A 5 0.90 0.67 3.94
CA GLY A 5 0.37 -0.42 4.73
C GLY A 5 1.35 -1.00 5.75
N VAL A 6 1.08 -2.26 6.12
CA VAL A 6 1.76 -2.99 7.16
C VAL A 6 2.66 -4.15 6.77
N GLU A 7 2.69 -4.56 5.50
CA GLU A 7 3.54 -5.58 4.94
C GLU A 7 4.60 -5.07 3.98
N PRO A 8 5.77 -4.58 4.42
CA PRO A 8 6.71 -3.86 3.58
C PRO A 8 7.27 -4.75 2.49
N ASP A 9 7.47 -4.19 1.29
CA ASP A 9 7.54 -4.87 0.01
C ASP A 9 8.58 -4.40 -1.00
N ILE A 10 8.36 -3.32 -1.75
CA ILE A 10 9.33 -2.58 -2.53
C ILE A 10 9.79 -1.51 -1.56
N GLY A 11 10.96 -0.95 -1.89
CA GLY A 11 11.69 -0.05 -1.02
C GLY A 11 10.91 1.06 -0.35
N GLN A 12 9.72 1.44 -0.85
CA GLN A 12 8.88 2.56 -0.50
C GLN A 12 7.47 2.19 -0.06
N THR A 13 7.10 0.92 -0.24
CA THR A 13 5.74 0.39 -0.16
C THR A 13 5.55 -0.93 0.57
N TYR A 14 4.30 -1.37 0.63
CA TYR A 14 3.76 -2.42 1.48
C TYR A 14 2.86 -3.38 0.72
N PHE A 15 1.55 -3.20 0.81
CA PHE A 15 0.58 -3.84 -0.07
C PHE A 15 -0.57 -2.93 -0.43
N GLU A 16 -1.19 -3.09 -1.60
CA GLU A 16 -2.22 -2.27 -2.20
C GLU A 16 -3.47 -2.23 -1.33
N GLU A 17 -3.46 -1.35 -0.32
CA GLU A 17 -4.61 -0.89 0.44
C GLU A 17 -5.58 -0.10 -0.42
N SER A 18 -5.12 0.51 -1.51
CA SER A 18 -5.67 1.47 -2.45
C SER A 18 -6.86 1.03 -3.30
N ARG A 19 -7.82 0.43 -2.60
CA ARG A 19 -9.10 -0.04 -3.10
C ARG A 19 -10.00 1.13 -3.45
N ILE A 20 -9.56 2.04 -4.32
CA ILE A 20 -10.15 3.31 -4.69
C ILE A 20 -10.10 3.44 -6.20
N ASN A 21 -11.31 3.38 -6.77
CA ASN A 21 -11.55 3.71 -8.16
C ASN A 21 -12.72 4.68 -8.35
N GLN A 22 -12.69 5.37 -9.50
CA GLN A 22 -13.74 6.33 -9.80
C GLN A 22 -14.32 6.07 -11.18
N ASP A 23 -13.87 5.00 -11.83
CA ASP A 23 -14.31 4.44 -13.09
C ASP A 23 -14.59 2.94 -13.01
N GLY A 1 5.19 -5.04 -3.01
CA GLY A 1 4.11 -4.08 -2.81
C GLY A 1 3.94 -3.02 -3.90
N LEU A 2 2.95 -2.17 -3.60
CA LEU A 2 2.87 -0.84 -4.17
C LEU A 2 2.16 0.28 -3.42
N SER A 3 1.46 0.09 -2.30
CA SER A 3 0.91 1.18 -1.54
C SER A 3 1.11 1.12 -0.04
N GLN A 4 0.63 2.07 0.78
CA GLN A 4 0.83 2.15 2.21
C GLN A 4 0.20 1.00 2.98
N GLY A 5 0.97 0.35 3.87
CA GLY A 5 0.42 -0.63 4.77
C GLY A 5 1.41 -1.08 5.84
N VAL A 6 1.33 -2.32 6.32
CA VAL A 6 2.05 -2.87 7.44
C VAL A 6 2.98 -4.02 7.08
N GLU A 7 2.87 -4.59 5.89
CA GLU A 7 3.75 -5.57 5.30
C GLU A 7 4.71 -5.08 4.22
N PRO A 8 5.88 -4.49 4.49
CA PRO A 8 6.67 -3.83 3.48
C PRO A 8 7.15 -4.89 2.48
N ASP A 9 7.31 -4.39 1.26
CA ASP A 9 7.33 -5.20 0.05
C ASP A 9 8.43 -4.67 -0.85
N ILE A 10 8.10 -3.74 -1.76
CA ILE A 10 9.13 -3.05 -2.51
C ILE A 10 9.36 -1.71 -1.80
N GLY A 11 10.57 -1.14 -1.90
CA GLY A 11 11.02 0.14 -1.40
C GLY A 11 9.91 1.18 -1.49
N GLN A 12 9.86 2.01 -0.45
CA GLN A 12 8.78 2.92 -0.16
C GLN A 12 7.40 2.32 0.04
N THR A 13 7.07 1.06 -0.26
CA THR A 13 5.73 0.51 -0.28
C THR A 13 5.51 -0.83 0.41
N TYR A 14 4.24 -1.22 0.60
CA TYR A 14 3.80 -2.36 1.37
C TYR A 14 2.85 -3.25 0.57
N PHE A 15 1.57 -2.89 0.54
CA PHE A 15 0.48 -3.51 -0.20
C PHE A 15 -0.50 -2.52 -0.80
N GLU A 16 -0.98 -2.78 -2.01
CA GLU A 16 -2.13 -2.06 -2.56
C GLU A 16 -3.39 -2.19 -1.71
N GLU A 17 -3.55 -1.34 -0.70
CA GLU A 17 -4.53 -1.50 0.36
C GLU A 17 -5.74 -0.57 0.29
N SER A 18 -5.51 0.74 0.33
CA SER A 18 -6.43 1.83 0.13
C SER A 18 -5.70 3.10 -0.28
N ARG A 19 -5.10 3.13 -1.46
CA ARG A 19 -4.22 4.15 -2.00
C ARG A 19 -4.88 5.51 -2.18
N ILE A 20 -6.19 5.70 -2.07
CA ILE A 20 -6.94 6.94 -2.18
C ILE A 20 -6.51 7.90 -1.08
N ASN A 21 -5.85 7.44 -0.02
CA ASN A 21 -5.45 8.09 1.22
C ASN A 21 -4.64 9.38 1.18
N GLN A 22 -4.56 10.06 2.32
CA GLN A 22 -3.82 11.26 2.63
C GLN A 22 -3.14 11.07 3.98
N ASP A 23 -2.30 12.04 4.36
CA ASP A 23 -1.66 12.06 5.67
C ASP A 23 -2.67 12.29 6.79
N GLY A 1 4.90 -4.75 -3.29
CA GLY A 1 3.90 -3.74 -2.98
C GLY A 1 3.94 -2.44 -3.76
N LEU A 2 2.93 -1.58 -3.58
CA LEU A 2 2.68 -0.31 -4.24
C LEU A 2 2.08 0.81 -3.41
N SER A 3 1.60 0.49 -2.21
CA SER A 3 0.71 1.27 -1.37
C SER A 3 1.43 1.68 -0.08
N GLN A 4 0.70 2.30 0.84
CA GLN A 4 0.97 2.48 2.25
C GLN A 4 0.14 1.50 3.07
N GLY A 5 0.70 0.81 4.07
CA GLY A 5 0.13 -0.43 4.55
C GLY A 5 1.07 -0.99 5.63
N VAL A 6 0.98 -2.29 5.88
CA VAL A 6 1.59 -2.93 7.02
C VAL A 6 2.40 -4.15 6.63
N GLU A 7 2.51 -4.56 5.36
CA GLU A 7 3.55 -5.49 4.95
C GLU A 7 4.38 -4.65 3.97
N PRO A 8 5.60 -4.20 4.26
CA PRO A 8 6.48 -3.60 3.28
C PRO A 8 6.92 -4.63 2.25
N ASP A 9 7.00 -4.07 1.04
CA ASP A 9 7.10 -4.89 -0.16
C ASP A 9 8.40 -4.56 -0.88
N ILE A 10 8.40 -3.65 -1.85
CA ILE A 10 9.50 -3.14 -2.65
C ILE A 10 9.64 -1.64 -2.42
N GLY A 11 10.87 -1.16 -2.64
CA GLY A 11 11.31 0.21 -2.51
C GLY A 11 10.81 0.86 -1.23
N GLN A 12 9.90 1.82 -1.35
CA GLN A 12 9.35 2.59 -0.25
C GLN A 12 8.00 2.11 0.27
N THR A 13 7.44 1.07 -0.34
CA THR A 13 6.00 0.89 -0.29
C THR A 13 5.65 -0.51 0.19
N TYR A 14 4.34 -0.75 0.33
CA TYR A 14 3.77 -1.88 1.03
C TYR A 14 2.75 -2.65 0.21
N PHE A 15 2.25 -3.78 0.68
CA PHE A 15 1.12 -4.50 0.12
C PHE A 15 -0.10 -3.60 -0.04
N GLU A 16 -0.85 -3.76 -1.14
CA GLU A 16 -2.11 -3.08 -1.42
C GLU A 16 -3.24 -3.19 -0.41
N GLU A 17 -3.29 -2.24 0.54
CA GLU A 17 -4.44 -2.00 1.39
C GLU A 17 -5.70 -1.55 0.65
N SER A 18 -5.60 -0.99 -0.55
CA SER A 18 -6.70 -0.69 -1.44
C SER A 18 -7.35 -1.97 -1.99
N ARG A 19 -8.18 -2.60 -1.16
CA ARG A 19 -8.90 -3.82 -1.47
C ARG A 19 -10.26 -3.43 -2.02
N ILE A 20 -10.29 -2.71 -3.14
CA ILE A 20 -11.47 -2.24 -3.86
C ILE A 20 -12.32 -3.45 -4.22
N ASN A 21 -13.43 -3.60 -3.48
CA ASN A 21 -14.18 -4.83 -3.36
C ASN A 21 -15.64 -4.55 -3.67
N GLN A 22 -16.19 -4.92 -4.83
CA GLN A 22 -17.61 -5.18 -4.96
C GLN A 22 -17.97 -6.46 -5.69
N ASP A 23 -19.10 -7.05 -5.28
CA ASP A 23 -19.58 -8.35 -5.67
C ASP A 23 -21.03 -8.35 -6.12
#